data_2M3N
#
_entry.id   2M3N
#
_entity_poly.entity_id   1
_entity_poly.type   'polypeptide(L)'
_entity_poly.pdbx_seq_one_letter_code
;LVRGCWTKSYPPKPCFVR
;
_entity_poly.pdbx_strand_id   A
#
# COMPACT_ATOMS: atom_id res chain seq x y z
N LEU A 1 -7.13 -9.11 3.79
CA LEU A 1 -6.95 -9.89 2.56
C LEU A 1 -5.62 -9.54 1.93
N VAL A 2 -4.91 -10.55 1.47
CA VAL A 2 -3.60 -10.34 0.89
C VAL A 2 -3.73 -10.08 -0.60
N ARG A 3 -3.35 -8.90 -1.00
CA ARG A 3 -3.35 -8.48 -2.39
C ARG A 3 -2.40 -7.30 -2.55
N GLY A 4 -1.86 -7.16 -3.73
CA GLY A 4 -0.87 -6.15 -3.98
C GLY A 4 -1.46 -4.79 -4.22
N CYS A 5 -1.20 -3.90 -3.31
CA CYS A 5 -1.59 -2.54 -3.41
C CYS A 5 -0.58 -1.65 -2.70
N TRP A 6 -0.59 -0.38 -3.00
CA TRP A 6 0.36 0.51 -2.42
C TRP A 6 -0.25 1.91 -2.31
N THR A 7 0.03 2.59 -1.21
CA THR A 7 -0.57 3.88 -0.96
C THR A 7 0.36 5.01 -1.41
N LYS A 8 -0.15 5.87 -2.24
CA LYS A 8 0.60 7.03 -2.64
C LYS A 8 0.19 8.17 -1.72
N SER A 9 1.03 8.46 -0.80
CA SER A 9 0.81 9.49 0.20
C SER A 9 2.18 9.86 0.76
N TYR A 10 2.20 10.53 1.88
CA TYR A 10 3.44 10.85 2.55
C TYR A 10 3.21 10.65 4.04
N PRO A 11 3.93 9.71 4.67
CA PRO A 11 4.92 8.89 4.00
C PRO A 11 4.29 7.83 3.07
N PRO A 12 4.92 7.58 1.91
CA PRO A 12 4.45 6.58 0.95
C PRO A 12 4.65 5.16 1.50
N LYS A 13 3.64 4.31 1.38
CA LYS A 13 3.73 3.00 1.99
C LYS A 13 2.92 1.96 1.21
N PRO A 14 3.49 0.77 0.89
CA PRO A 14 2.70 -0.34 0.35
C PRO A 14 1.53 -0.65 1.30
N CYS A 15 0.44 -1.21 0.80
CA CYS A 15 -0.73 -1.37 1.60
C CYS A 15 -0.54 -2.43 2.69
N PHE A 16 -1.56 -2.59 3.45
CA PHE A 16 -1.59 -3.56 4.52
C PHE A 16 -2.44 -4.73 4.09
N VAL A 17 -2.17 -5.90 4.64
CA VAL A 17 -2.85 -7.15 4.27
C VAL A 17 -4.26 -7.29 4.86
N ARG A 18 -4.87 -6.18 5.16
CA ARG A 18 -6.19 -6.15 5.69
C ARG A 18 -7.15 -5.75 4.57
N LEU A 1 -1.36 -13.29 1.28
CA LEU A 1 -0.61 -13.12 0.04
C LEU A 1 -0.67 -11.66 -0.36
N VAL A 2 0.45 -11.12 -0.77
CA VAL A 2 0.51 -9.71 -1.12
C VAL A 2 -0.05 -9.49 -2.53
N ARG A 3 -0.46 -8.28 -2.78
CA ARG A 3 -0.96 -7.88 -4.07
C ARG A 3 -0.29 -6.58 -4.39
N GLY A 4 -0.40 -6.14 -5.62
CA GLY A 4 0.18 -4.86 -6.01
C GLY A 4 -0.65 -3.71 -5.50
N CYS A 5 -0.45 -3.38 -4.24
CA CYS A 5 -1.17 -2.32 -3.60
C CYS A 5 -0.23 -1.59 -2.73
N TRP A 6 -0.15 -0.33 -2.95
CA TRP A 6 0.73 0.50 -2.26
C TRP A 6 0.10 1.90 -2.23
N THR A 7 0.12 2.53 -1.06
CA THR A 7 -0.60 3.75 -0.88
C THR A 7 0.26 4.95 -1.18
N LYS A 8 -0.20 5.77 -2.09
CA LYS A 8 0.48 7.01 -2.33
C LYS A 8 0.08 7.96 -1.22
N SER A 9 0.97 8.14 -0.32
CA SER A 9 0.76 8.95 0.83
C SER A 9 2.02 9.75 1.00
N TYR A 10 2.15 10.46 2.09
CA TYR A 10 3.33 11.16 2.40
C TYR A 10 3.67 10.89 3.86
N PRO A 11 4.62 9.98 4.14
CA PRO A 11 5.31 9.20 3.11
C PRO A 11 4.48 8.03 2.58
N PRO A 12 4.75 7.64 1.35
CA PRO A 12 4.06 6.54 0.68
C PRO A 12 4.45 5.19 1.29
N LYS A 13 3.49 4.28 1.40
CA LYS A 13 3.70 3.04 2.13
C LYS A 13 2.78 1.96 1.50
N PRO A 14 3.21 0.66 1.41
CA PRO A 14 2.40 -0.42 0.78
C PRO A 14 0.99 -0.61 1.43
N CYS A 15 0.08 -1.32 0.79
CA CYS A 15 -1.20 -1.55 1.38
C CYS A 15 -1.16 -2.57 2.50
N PHE A 16 -2.27 -2.76 3.12
CA PHE A 16 -2.39 -3.63 4.27
C PHE A 16 -2.73 -5.06 3.80
N VAL A 17 -2.57 -6.02 4.72
CA VAL A 17 -2.77 -7.45 4.48
C VAL A 17 -1.58 -8.05 3.75
N ARG A 18 -0.84 -8.90 4.43
CA ARG A 18 0.32 -9.52 3.88
C ARG A 18 0.06 -10.99 3.71
N LEU A 1 -8.20 -11.26 -0.44
CA LEU A 1 -6.95 -11.46 -1.14
C LEU A 1 -6.85 -10.62 -2.42
N VAL A 2 -6.46 -9.39 -2.25
CA VAL A 2 -6.27 -8.49 -3.37
C VAL A 2 -4.79 -8.37 -3.60
N ARG A 3 -4.14 -8.05 -2.53
CA ARG A 3 -2.67 -7.91 -2.44
C ARG A 3 -2.07 -6.74 -3.28
N GLY A 4 -2.49 -6.60 -4.52
CA GLY A 4 -1.95 -5.56 -5.38
C GLY A 4 -2.44 -4.17 -5.00
N CYS A 5 -1.84 -3.60 -4.00
CA CYS A 5 -2.13 -2.29 -3.57
C CYS A 5 -0.92 -1.70 -2.89
N TRP A 6 -0.69 -0.42 -3.09
CA TRP A 6 0.33 0.30 -2.39
C TRP A 6 -0.15 1.75 -2.29
N THR A 7 0.08 2.40 -1.17
CA THR A 7 -0.47 3.73 -0.98
C THR A 7 0.55 4.78 -1.33
N LYS A 8 0.20 5.66 -2.24
CA LYS A 8 1.05 6.77 -2.48
C LYS A 8 0.52 7.87 -1.58
N SER A 9 1.20 8.05 -0.51
CA SER A 9 0.82 8.96 0.53
C SER A 9 2.05 9.74 0.90
N TYR A 10 2.03 10.46 2.00
CA TYR A 10 3.16 11.14 2.48
C TYR A 10 3.22 10.88 3.99
N PRO A 11 4.11 10.00 4.46
CA PRO A 11 5.01 9.25 3.61
C PRO A 11 4.34 8.08 2.88
N PRO A 12 4.82 7.77 1.68
CA PRO A 12 4.34 6.65 0.87
C PRO A 12 4.49 5.31 1.59
N LYS A 13 3.51 4.44 1.49
CA LYS A 13 3.55 3.22 2.25
C LYS A 13 2.87 2.07 1.50
N PRO A 14 3.57 0.93 1.28
CA PRO A 14 2.94 -0.26 0.72
C PRO A 14 1.71 -0.68 1.54
N CYS A 15 0.66 -1.03 0.86
CA CYS A 15 -0.61 -1.34 1.41
C CYS A 15 -0.57 -2.70 2.10
N PHE A 16 -1.51 -2.90 2.93
CA PHE A 16 -1.61 -4.11 3.72
C PHE A 16 -3.06 -4.47 4.04
N VAL A 17 -3.28 -5.78 4.20
CA VAL A 17 -4.56 -6.38 4.62
C VAL A 17 -5.72 -6.08 3.66
N ARG A 18 -5.89 -6.98 2.66
CA ARG A 18 -6.99 -6.99 1.70
C ARG A 18 -6.74 -8.06 0.66
N LEU A 1 -0.19 -14.77 -0.50
CA LEU A 1 -0.86 -14.42 -1.76
C LEU A 1 -0.17 -13.19 -2.31
N VAL A 2 -0.28 -12.97 -3.60
CA VAL A 2 0.33 -11.81 -4.22
C VAL A 2 -0.69 -10.68 -4.22
N ARG A 3 -0.23 -9.47 -4.03
CA ARG A 3 -1.10 -8.32 -4.00
C ARG A 3 -0.34 -7.13 -4.57
N GLY A 4 -1.03 -6.27 -5.27
CA GLY A 4 -0.41 -5.11 -5.84
C GLY A 4 -1.10 -3.85 -5.42
N CYS A 5 -0.80 -3.39 -4.23
CA CYS A 5 -1.38 -2.21 -3.69
C CYS A 5 -0.39 -1.49 -2.81
N TRP A 6 -0.36 -0.19 -2.92
CA TRP A 6 0.57 0.61 -2.18
C TRP A 6 -0.05 2.00 -1.95
N THR A 7 0.15 2.57 -0.76
CA THR A 7 -0.51 3.80 -0.42
C THR A 7 0.29 5.02 -0.84
N LYS A 8 -0.09 5.57 -1.98
CA LYS A 8 0.52 6.78 -2.45
C LYS A 8 0.07 7.96 -1.58
N SER A 9 0.96 8.36 -0.73
CA SER A 9 0.70 9.38 0.25
C SER A 9 2.04 9.91 0.71
N TYR A 10 2.07 10.58 1.83
CA TYR A 10 3.32 11.01 2.40
C TYR A 10 3.30 10.70 3.90
N PRO A 11 4.17 9.78 4.35
CA PRO A 11 5.04 9.02 3.49
C PRO A 11 4.28 7.89 2.77
N PRO A 12 4.73 7.54 1.59
CA PRO A 12 4.14 6.47 0.81
C PRO A 12 4.64 5.09 1.29
N LYS A 13 3.73 4.14 1.43
CA LYS A 13 4.07 2.86 2.01
C LYS A 13 3.13 1.79 1.40
N PRO A 14 3.53 0.52 1.20
CA PRO A 14 2.64 -0.53 0.63
C PRO A 14 1.28 -0.68 1.39
N CYS A 15 0.30 -1.31 0.76
CA CYS A 15 -1.06 -1.41 1.27
C CYS A 15 -1.19 -1.99 2.66
N PHE A 16 -1.78 -1.18 3.47
CA PHE A 16 -2.13 -1.46 4.83
C PHE A 16 -3.37 -0.57 5.06
N VAL A 17 -3.75 -0.31 6.30
CA VAL A 17 -4.94 0.54 6.57
C VAL A 17 -4.55 2.03 6.47
N ARG A 18 -3.32 2.20 6.18
CA ARG A 18 -2.64 3.46 6.01
C ARG A 18 -1.30 3.07 5.47
N LEU A 1 -5.50 -3.69 -6.15
CA LEU A 1 -6.67 -4.40 -5.64
C LEU A 1 -6.69 -4.21 -4.15
N VAL A 2 -7.62 -4.85 -3.46
CA VAL A 2 -7.65 -4.80 -2.01
C VAL A 2 -6.47 -5.62 -1.50
N ARG A 3 -5.76 -5.08 -0.50
CA ARG A 3 -4.54 -5.69 0.10
C ARG A 3 -3.37 -5.53 -0.87
N GLY A 4 -3.54 -5.99 -2.09
CA GLY A 4 -2.53 -5.87 -3.09
C GLY A 4 -2.57 -4.50 -3.74
N CYS A 5 -2.00 -3.55 -3.05
CA CYS A 5 -1.87 -2.20 -3.50
C CYS A 5 -0.68 -1.56 -2.85
N TRP A 6 -0.53 -0.29 -3.05
CA TRP A 6 0.48 0.46 -2.42
C TRP A 6 -0.07 1.87 -2.25
N THR A 7 0.09 2.44 -1.08
CA THR A 7 -0.52 3.72 -0.79
C THR A 7 0.43 4.85 -1.12
N LYS A 8 0.06 5.66 -2.06
CA LYS A 8 0.85 6.80 -2.39
C LYS A 8 0.37 8.02 -1.62
N SER A 9 1.13 8.36 -0.64
CA SER A 9 0.92 9.52 0.18
C SER A 9 2.30 10.04 0.56
N TYR A 10 2.39 10.71 1.67
CA TYR A 10 3.62 11.18 2.24
C TYR A 10 3.46 11.19 3.77
N PRO A 11 4.08 10.24 4.47
CA PRO A 11 4.90 9.20 3.86
C PRO A 11 4.06 8.13 3.13
N PRO A 12 4.60 7.61 2.03
CA PRO A 12 3.96 6.58 1.25
C PRO A 12 4.29 5.16 1.77
N LYS A 13 3.36 4.24 1.64
CA LYS A 13 3.54 2.94 2.23
C LYS A 13 2.81 1.83 1.42
N PRO A 14 3.51 0.76 1.00
CA PRO A 14 2.85 -0.38 0.33
C PRO A 14 1.71 -0.98 1.21
N CYS A 15 0.60 -1.37 0.55
CA CYS A 15 -0.57 -1.88 1.22
C CYS A 15 -0.30 -3.18 1.90
N PHE A 16 -0.49 -3.14 3.14
CA PHE A 16 -0.38 -4.27 4.05
C PHE A 16 -1.33 -4.01 5.19
N VAL A 17 -1.32 -4.88 6.19
CA VAL A 17 -2.17 -4.68 7.38
C VAL A 17 -1.41 -3.89 8.44
N ARG A 18 -0.27 -3.46 8.02
CA ARG A 18 0.63 -2.69 8.78
C ARG A 18 1.53 -1.97 7.81
N LEU A 1 -4.57 -11.10 4.12
CA LEU A 1 -4.92 -11.49 2.77
C LEU A 1 -3.84 -10.93 1.86
N VAL A 2 -3.86 -11.29 0.59
CA VAL A 2 -2.90 -10.79 -0.34
C VAL A 2 -3.57 -9.80 -1.28
N ARG A 3 -2.92 -8.69 -1.53
CA ARG A 3 -3.43 -7.66 -2.41
C ARG A 3 -2.29 -6.76 -2.81
N GLY A 4 -2.07 -6.62 -4.10
CA GLY A 4 -0.96 -5.84 -4.58
C GLY A 4 -1.32 -4.38 -4.74
N CYS A 5 -1.14 -3.63 -3.69
CA CYS A 5 -1.37 -2.21 -3.72
C CYS A 5 -0.39 -1.49 -2.82
N TRP A 6 -0.32 -0.21 -2.98
CA TRP A 6 0.61 0.59 -2.28
C TRP A 6 0.00 1.98 -2.11
N THR A 7 0.16 2.58 -0.94
CA THR A 7 -0.51 3.81 -0.66
C THR A 7 0.32 4.99 -1.09
N LYS A 8 -0.19 5.70 -2.07
CA LYS A 8 0.42 6.91 -2.51
C LYS A 8 0.05 8.00 -1.52
N SER A 9 0.97 8.33 -0.68
CA SER A 9 0.77 9.24 0.38
C SER A 9 2.10 9.82 0.78
N TYR A 10 2.15 10.53 1.87
CA TYR A 10 3.38 11.04 2.38
C TYR A 10 3.37 10.83 3.90
N PRO A 11 4.19 9.89 4.39
CA PRO A 11 5.05 9.06 3.56
C PRO A 11 4.29 7.96 2.80
N PRO A 12 4.81 7.59 1.64
CA PRO A 12 4.25 6.53 0.82
C PRO A 12 4.67 5.15 1.35
N LYS A 13 3.72 4.24 1.46
CA LYS A 13 3.97 2.97 2.10
C LYS A 13 3.02 1.91 1.46
N PRO A 14 3.42 0.61 1.30
CA PRO A 14 2.56 -0.42 0.67
C PRO A 14 1.18 -0.60 1.37
N CYS A 15 0.27 -1.33 0.77
CA CYS A 15 -1.01 -1.50 1.40
C CYS A 15 -0.98 -2.73 2.26
N PHE A 16 -2.06 -2.95 2.92
CA PHE A 16 -2.22 -4.09 3.78
C PHE A 16 -3.66 -4.54 3.72
N VAL A 17 -3.94 -5.75 4.17
CA VAL A 17 -5.27 -6.30 4.21
C VAL A 17 -5.28 -7.57 5.06
N ARG A 18 -6.23 -7.66 5.96
CA ARG A 18 -6.35 -8.78 6.88
C ARG A 18 -7.14 -9.86 6.18
N LEU A 1 0.88 -9.88 4.09
CA LEU A 1 1.89 -9.99 3.04
C LEU A 1 1.70 -8.87 2.04
N VAL A 2 2.67 -8.64 1.20
CA VAL A 2 2.62 -7.53 0.27
C VAL A 2 2.27 -8.04 -1.14
N ARG A 3 1.49 -7.25 -1.85
CA ARG A 3 1.13 -7.49 -3.23
C ARG A 3 1.30 -6.16 -3.93
N GLY A 4 0.88 -6.05 -5.18
CA GLY A 4 0.94 -4.76 -5.85
C GLY A 4 -0.18 -3.87 -5.37
N CYS A 5 0.03 -3.29 -4.21
CA CYS A 5 -0.91 -2.41 -3.58
C CYS A 5 -0.13 -1.51 -2.69
N TRP A 6 -0.20 -0.24 -2.95
CA TRP A 6 0.59 0.67 -2.23
C TRP A 6 -0.09 2.03 -2.16
N THR A 7 0.03 2.67 -1.02
CA THR A 7 -0.66 3.89 -0.78
C THR A 7 0.20 5.06 -1.20
N LYS A 8 -0.29 5.87 -2.11
CA LYS A 8 0.42 7.05 -2.46
C LYS A 8 0.04 8.07 -1.41
N SER A 9 0.92 8.30 -0.51
CA SER A 9 0.72 9.21 0.58
C SER A 9 2.04 9.92 0.81
N TYR A 10 2.24 10.43 2.00
CA TYR A 10 3.50 11.01 2.37
C TYR A 10 3.67 10.80 3.89
N PRO A 11 4.49 9.84 4.30
CA PRO A 11 5.20 8.96 3.39
C PRO A 11 4.30 7.89 2.76
N PRO A 12 4.61 7.51 1.52
CA PRO A 12 3.87 6.47 0.81
C PRO A 12 4.37 5.07 1.22
N LYS A 13 3.47 4.11 1.35
CA LYS A 13 3.84 2.80 1.87
C LYS A 13 2.87 1.72 1.27
N PRO A 14 3.32 0.44 1.01
CA PRO A 14 2.41 -0.64 0.54
C PRO A 14 1.17 -0.78 1.47
N CYS A 15 0.03 -1.25 0.99
CA CYS A 15 -1.15 -1.23 1.83
C CYS A 15 -1.12 -2.29 2.93
N PHE A 16 -2.21 -2.44 3.61
CA PHE A 16 -2.36 -3.37 4.70
C PHE A 16 -3.27 -4.50 4.26
N VAL A 17 -2.69 -5.64 4.01
CA VAL A 17 -3.43 -6.78 3.58
C VAL A 17 -2.77 -8.05 4.10
N ARG A 18 -3.58 -9.01 4.54
CA ARG A 18 -3.10 -10.26 5.08
C ARG A 18 -2.57 -11.14 3.94
N LEU A 1 -11.20 -6.75 -6.63
CA LEU A 1 -10.50 -5.92 -5.63
C LEU A 1 -9.46 -6.82 -5.02
N VAL A 2 -8.33 -6.27 -4.64
CA VAL A 2 -7.26 -7.02 -4.05
C VAL A 2 -6.54 -6.06 -3.11
N ARG A 3 -5.82 -6.58 -2.13
CA ARG A 3 -5.10 -5.73 -1.19
C ARG A 3 -3.61 -5.76 -1.53
N GLY A 4 -3.32 -6.05 -2.79
CA GLY A 4 -1.97 -6.01 -3.25
C GLY A 4 -1.73 -4.68 -3.90
N CYS A 5 -1.48 -3.70 -3.08
CA CYS A 5 -1.32 -2.35 -3.51
C CYS A 5 -0.28 -1.62 -2.70
N TRP A 6 -0.05 -0.40 -3.08
CA TRP A 6 0.92 0.42 -2.46
C TRP A 6 0.42 1.87 -2.50
N THR A 7 0.29 2.46 -1.33
CA THR A 7 -0.42 3.72 -1.14
C THR A 7 0.42 4.92 -1.49
N LYS A 8 -0.22 5.89 -2.11
CA LYS A 8 0.40 7.13 -2.43
C LYS A 8 -0.06 8.11 -1.38
N SER A 9 0.81 8.41 -0.49
CA SER A 9 0.56 9.31 0.60
C SER A 9 1.92 9.82 1.01
N TYR A 10 2.02 10.46 2.14
CA TYR A 10 3.29 10.90 2.62
C TYR A 10 3.38 10.53 4.10
N PRO A 11 4.27 9.61 4.45
CA PRO A 11 5.14 8.93 3.51
C PRO A 11 4.41 7.83 2.70
N PRO A 12 4.84 7.61 1.46
CA PRO A 12 4.30 6.54 0.60
C PRO A 12 4.62 5.19 1.23
N LYS A 13 3.65 4.29 1.28
CA LYS A 13 3.84 3.06 2.00
C LYS A 13 2.97 1.98 1.34
N PRO A 14 3.41 0.68 1.27
CA PRO A 14 2.58 -0.41 0.69
C PRO A 14 1.21 -0.49 1.39
N CYS A 15 0.22 -1.15 0.83
CA CYS A 15 -1.08 -1.17 1.51
C CYS A 15 -1.19 -2.22 2.56
N PHE A 16 -0.41 -1.99 3.52
CA PHE A 16 -0.32 -2.81 4.69
C PHE A 16 -1.13 -2.14 5.76
N VAL A 17 -2.30 -2.70 6.01
CA VAL A 17 -3.27 -2.18 6.97
C VAL A 17 -3.98 -0.96 6.42
N ARG A 18 -3.25 0.02 6.37
CA ARG A 18 -3.66 1.34 5.93
C ARG A 18 -3.13 1.55 4.53
N LEU A 1 -7.46 -4.92 0.56
CA LEU A 1 -6.58 -5.27 -0.54
C LEU A 1 -7.38 -5.96 -1.62
N VAL A 2 -6.72 -6.33 -2.73
CA VAL A 2 -7.37 -7.04 -3.83
C VAL A 2 -6.35 -7.48 -4.84
N ARG A 3 -5.49 -6.61 -5.11
CA ARG A 3 -4.37 -6.77 -6.01
C ARG A 3 -3.16 -6.24 -5.29
N GLY A 4 -2.04 -6.12 -5.98
CA GLY A 4 -0.85 -5.56 -5.38
C GLY A 4 -1.01 -4.07 -5.18
N CYS A 5 -1.26 -3.68 -3.96
CA CYS A 5 -1.47 -2.30 -3.66
C CYS A 5 -0.36 -1.68 -2.84
N TRP A 6 -0.19 -0.40 -3.04
CA TRP A 6 0.77 0.40 -2.35
C TRP A 6 0.22 1.83 -2.31
N THR A 7 0.17 2.42 -1.13
CA THR A 7 -0.55 3.67 -0.93
C THR A 7 0.31 4.88 -1.27
N LYS A 8 -0.30 5.84 -1.92
CA LYS A 8 0.37 7.04 -2.32
C LYS A 8 0.03 8.09 -1.29
N SER A 9 0.97 8.38 -0.45
CA SER A 9 0.79 9.33 0.61
C SER A 9 2.14 9.94 0.89
N TYR A 10 2.26 10.72 1.93
CA TYR A 10 3.49 11.25 2.34
C TYR A 10 3.64 11.03 3.85
N PRO A 11 4.46 10.05 4.26
CA PRO A 11 5.18 9.18 3.36
C PRO A 11 4.32 8.06 2.77
N PRO A 12 4.68 7.60 1.58
CA PRO A 12 3.99 6.51 0.92
C PRO A 12 4.38 5.17 1.52
N LYS A 13 3.48 4.21 1.53
CA LYS A 13 3.71 2.97 2.21
C LYS A 13 2.93 1.88 1.46
N PRO A 14 3.38 0.60 1.42
CA PRO A 14 2.63 -0.48 0.75
C PRO A 14 1.19 -0.66 1.31
N CYS A 15 0.44 -1.57 0.74
CA CYS A 15 -0.94 -1.77 1.10
C CYS A 15 -1.09 -2.35 2.52
N PHE A 16 -2.28 -2.69 2.85
CA PHE A 16 -2.59 -3.26 4.13
C PHE A 16 -2.84 -4.75 3.98
N VAL A 17 -3.03 -5.43 5.09
CA VAL A 17 -3.27 -6.87 5.09
C VAL A 17 -4.79 -7.12 5.13
N ARG A 18 -5.51 -6.10 4.82
CA ARG A 18 -6.94 -6.07 4.80
C ARG A 18 -7.34 -5.57 3.46
N LEU A 1 0.25 -10.72 1.42
CA LEU A 1 1.18 -11.16 0.39
C LEU A 1 0.43 -11.15 -0.94
N VAL A 2 1.18 -11.00 -2.06
CA VAL A 2 0.62 -10.94 -3.41
C VAL A 2 -0.19 -9.63 -3.61
N ARG A 3 -0.26 -9.13 -4.87
CA ARG A 3 -0.93 -7.88 -5.23
C ARG A 3 -0.10 -6.68 -4.78
N GLY A 4 0.55 -6.04 -5.74
CA GLY A 4 1.37 -4.89 -5.45
C GLY A 4 0.53 -3.66 -5.20
N CYS A 5 0.13 -3.48 -3.98
CA CYS A 5 -0.69 -2.36 -3.61
C CYS A 5 0.12 -1.43 -2.75
N TRP A 6 0.28 -0.22 -3.20
CA TRP A 6 0.97 0.80 -2.49
C TRP A 6 0.03 1.96 -2.25
N THR A 7 0.05 2.56 -1.07
CA THR A 7 -0.84 3.67 -0.84
C THR A 7 -0.11 4.95 -1.10
N LYS A 8 -0.67 5.74 -2.01
CA LYS A 8 -0.14 7.04 -2.31
C LYS A 8 -0.33 7.94 -1.10
N SER A 9 0.74 8.17 -0.42
CA SER A 9 0.74 8.92 0.80
C SER A 9 2.10 9.57 0.90
N TYR A 10 2.34 10.29 1.97
CA TYR A 10 3.62 10.87 2.22
C TYR A 10 3.92 10.73 3.70
N PRO A 11 4.88 9.87 4.06
CA PRO A 11 5.61 9.05 3.10
C PRO A 11 4.78 7.90 2.53
N PRO A 12 5.06 7.50 1.29
CA PRO A 12 4.40 6.38 0.61
C PRO A 12 4.52 5.11 1.44
N LYS A 13 3.44 4.39 1.59
CA LYS A 13 3.43 3.23 2.44
C LYS A 13 2.44 2.29 1.81
N PRO A 14 2.74 1.04 1.58
CA PRO A 14 1.86 0.20 0.80
C PRO A 14 0.69 -0.43 1.56
N CYS A 15 -0.08 -1.22 0.86
CA CYS A 15 -1.26 -1.82 1.36
C CYS A 15 -0.93 -3.09 2.09
N PHE A 16 -1.44 -3.18 3.25
CA PHE A 16 -1.30 -4.38 4.04
C PHE A 16 -2.44 -5.32 3.73
N VAL A 17 -2.21 -6.24 2.86
CA VAL A 17 -3.21 -7.17 2.46
C VAL A 17 -2.69 -8.59 2.66
N ARG A 18 -3.54 -9.42 3.20
CA ARG A 18 -3.22 -10.81 3.49
C ARG A 18 -3.13 -11.59 2.19
N LEU A 1 -1.64 -12.14 1.52
CA LEU A 1 -0.98 -12.75 0.37
C LEU A 1 -0.16 -11.67 -0.32
N VAL A 2 0.47 -11.99 -1.43
CA VAL A 2 1.21 -11.00 -2.19
C VAL A 2 0.20 -10.17 -2.95
N ARG A 3 0.06 -8.92 -2.58
CA ARG A 3 -0.93 -8.10 -3.18
C ARG A 3 -0.29 -6.81 -3.63
N GLY A 4 -0.54 -6.43 -4.86
CA GLY A 4 -0.04 -5.18 -5.38
C GLY A 4 -0.88 -4.04 -4.88
N CYS A 5 -0.63 -3.62 -3.67
CA CYS A 5 -1.37 -2.55 -3.05
C CYS A 5 -0.42 -1.61 -2.44
N TRP A 6 -0.49 -0.39 -2.84
CA TRP A 6 0.38 0.58 -2.34
C TRP A 6 -0.29 1.94 -2.36
N THR A 7 -0.22 2.63 -1.26
CA THR A 7 -0.82 3.91 -1.15
C THR A 7 0.20 5.02 -1.42
N LYS A 8 -0.13 5.87 -2.34
CA LYS A 8 0.69 6.99 -2.65
C LYS A 8 0.27 8.12 -1.76
N SER A 9 1.06 8.35 -0.77
CA SER A 9 0.77 9.33 0.23
C SER A 9 2.09 9.69 0.89
N TYR A 10 2.03 10.33 2.03
CA TYR A 10 3.22 10.63 2.77
C TYR A 10 2.97 10.20 4.21
N PRO A 11 3.75 9.24 4.71
CA PRO A 11 4.81 8.60 3.95
C PRO A 11 4.29 7.63 2.87
N PRO A 12 5.03 7.52 1.76
CA PRO A 12 4.73 6.58 0.69
C PRO A 12 4.89 5.14 1.19
N LYS A 13 3.84 4.36 1.12
CA LYS A 13 3.87 3.07 1.74
C LYS A 13 2.96 2.03 1.03
N PRO A 14 3.47 0.79 0.73
CA PRO A 14 2.61 -0.34 0.32
C PRO A 14 1.51 -0.50 1.39
N CYS A 15 0.27 -0.84 1.02
CA CYS A 15 -0.78 -0.71 1.99
C CYS A 15 -0.75 -1.84 3.01
N PHE A 16 -1.64 -1.74 3.94
CA PHE A 16 -1.71 -2.68 5.05
C PHE A 16 -2.61 -3.88 4.70
N VAL A 17 -3.22 -3.84 3.54
CA VAL A 17 -4.10 -4.92 3.10
C VAL A 17 -3.34 -5.79 2.11
N ARG A 18 -2.85 -6.89 2.58
CA ARG A 18 -2.07 -7.80 1.76
C ARG A 18 -2.36 -9.28 2.06
N LEU A 1 -7.15 -3.69 -6.79
CA LEU A 1 -5.71 -3.41 -6.78
C LEU A 1 -5.16 -3.79 -8.12
N VAL A 2 -3.99 -3.29 -8.47
CA VAL A 2 -3.38 -3.59 -9.75
C VAL A 2 -1.99 -4.12 -9.46
N ARG A 3 -1.82 -5.43 -9.64
CA ARG A 3 -0.56 -6.16 -9.36
C ARG A 3 -0.29 -6.28 -7.86
N GLY A 4 -0.37 -5.19 -7.16
CA GLY A 4 -0.18 -5.15 -5.75
C GLY A 4 -0.91 -3.95 -5.21
N CYS A 5 -0.58 -3.54 -4.02
CA CYS A 5 -1.20 -2.39 -3.44
C CYS A 5 -0.21 -1.64 -2.65
N TRP A 6 -0.17 -0.39 -2.91
CA TRP A 6 0.74 0.51 -2.32
C TRP A 6 0.09 1.89 -2.29
N THR A 7 0.09 2.51 -1.14
CA THR A 7 -0.61 3.76 -0.92
C THR A 7 0.27 4.94 -1.29
N LYS A 8 -0.35 5.95 -1.89
CA LYS A 8 0.35 7.14 -2.28
C LYS A 8 -0.01 8.23 -1.30
N SER A 9 0.94 8.62 -0.52
CA SER A 9 0.78 9.60 0.50
C SER A 9 2.18 10.08 0.81
N TYR A 10 2.36 10.75 1.91
CA TYR A 10 3.66 11.18 2.32
C TYR A 10 3.78 10.97 3.83
N PRO A 11 4.54 9.96 4.25
CA PRO A 11 5.22 9.04 3.37
C PRO A 11 4.30 7.97 2.76
N PRO A 12 4.61 7.54 1.55
CA PRO A 12 3.86 6.50 0.87
C PRO A 12 4.27 5.12 1.39
N LYS A 13 3.33 4.18 1.45
CA LYS A 13 3.61 2.91 2.11
C LYS A 13 2.76 1.78 1.46
N PRO A 14 3.30 0.54 1.28
CA PRO A 14 2.54 -0.58 0.69
C PRO A 14 1.25 -0.92 1.47
N CYS A 15 0.19 -1.41 0.79
CA CYS A 15 -1.08 -1.68 1.43
C CYS A 15 -1.00 -2.93 2.28
N PHE A 16 -0.77 -2.71 3.50
CA PHE A 16 -0.69 -3.71 4.55
C PHE A 16 -1.13 -3.02 5.82
N VAL A 17 -1.41 -3.81 6.85
CA VAL A 17 -1.82 -3.24 8.16
C VAL A 17 -0.58 -2.87 8.96
N ARG A 18 0.50 -3.20 8.37
CA ARG A 18 1.81 -2.94 8.88
C ARG A 18 2.72 -2.87 7.66
N LEU A 1 -3.58 -9.95 -13.36
CA LEU A 1 -3.60 -8.49 -13.26
C LEU A 1 -2.53 -8.08 -12.29
N VAL A 2 -2.42 -6.80 -12.01
CA VAL A 2 -1.44 -6.31 -11.08
C VAL A 2 -1.97 -6.50 -9.65
N ARG A 3 -1.09 -6.76 -8.71
CA ARG A 3 -1.49 -6.97 -7.32
C ARG A 3 -0.58 -6.19 -6.38
N GLY A 4 0.01 -5.16 -6.91
CA GLY A 4 0.91 -4.34 -6.13
C GLY A 4 0.16 -3.20 -5.50
N CYS A 5 -0.05 -3.28 -4.22
CA CYS A 5 -0.80 -2.26 -3.54
C CYS A 5 0.10 -1.47 -2.68
N TRP A 6 0.16 -0.22 -2.98
CA TRP A 6 1.00 0.69 -2.32
C TRP A 6 0.39 2.08 -2.40
N THR A 7 0.00 2.56 -1.23
CA THR A 7 -0.77 3.76 -1.05
C THR A 7 0.04 5.00 -1.39
N LYS A 8 -0.65 6.00 -1.90
CA LYS A 8 -0.02 7.23 -2.28
C LYS A 8 -0.21 8.19 -1.14
N SER A 9 0.84 8.50 -0.46
CA SER A 9 0.82 9.36 0.68
C SER A 9 2.20 9.95 0.83
N TYR A 10 2.46 10.60 1.92
CA TYR A 10 3.79 11.06 2.22
C TYR A 10 3.99 10.91 3.72
N PRO A 11 4.74 9.89 4.16
CA PRO A 11 5.35 8.91 3.27
C PRO A 11 4.34 7.88 2.71
N PRO A 12 4.56 7.44 1.48
CA PRO A 12 3.74 6.41 0.84
C PRO A 12 4.05 5.03 1.43
N LYS A 13 3.11 4.10 1.34
CA LYS A 13 3.25 2.83 2.04
C LYS A 13 2.51 1.65 1.35
N PRO A 14 3.16 0.46 1.17
CA PRO A 14 2.47 -0.75 0.65
C PRO A 14 1.29 -1.06 1.59
N CYS A 15 0.09 -1.34 1.04
CA CYS A 15 -1.09 -1.39 1.91
C CYS A 15 -1.11 -2.55 2.84
N PHE A 16 -0.82 -2.24 4.04
CA PHE A 16 -0.77 -3.19 5.15
C PHE A 16 -1.12 -2.45 6.41
N VAL A 17 -2.43 -2.37 6.70
CA VAL A 17 -3.05 -1.67 7.87
C VAL A 17 -2.70 -0.17 7.91
N ARG A 18 -2.15 0.28 6.83
CA ARG A 18 -1.69 1.63 6.61
C ARG A 18 -1.16 1.57 5.21
N LEU A 1 -5.22 -3.91 -4.65
CA LEU A 1 -5.63 -5.27 -4.99
C LEU A 1 -4.94 -6.21 -4.04
N VAL A 2 -5.28 -7.49 -4.09
CA VAL A 2 -4.67 -8.51 -3.23
C VAL A 2 -3.14 -8.47 -3.35
N ARG A 3 -2.48 -7.99 -2.28
CA ARG A 3 -1.06 -7.79 -2.17
C ARG A 3 -0.57 -6.58 -3.00
N GLY A 4 -1.04 -6.48 -4.22
CA GLY A 4 -0.67 -5.39 -5.09
C GLY A 4 -1.42 -4.11 -4.76
N CYS A 5 -0.95 -3.44 -3.75
CA CYS A 5 -1.47 -2.15 -3.36
C CYS A 5 -0.41 -1.41 -2.64
N TRP A 6 -0.41 -0.13 -2.82
CA TRP A 6 0.57 0.69 -2.24
C TRP A 6 -0.04 2.08 -2.01
N THR A 7 0.14 2.60 -0.80
CA THR A 7 -0.51 3.83 -0.43
C THR A 7 0.33 5.01 -0.85
N LYS A 8 -0.04 5.59 -1.96
CA LYS A 8 0.64 6.75 -2.45
C LYS A 8 0.16 7.95 -1.65
N SER A 9 0.98 8.38 -0.75
CA SER A 9 0.72 9.48 0.10
C SER A 9 2.08 9.91 0.65
N TYR A 10 2.08 10.57 1.76
CA TYR A 10 3.30 10.95 2.40
C TYR A 10 3.17 10.67 3.90
N PRO A 11 3.92 9.69 4.42
CA PRO A 11 4.86 8.91 3.65
C PRO A 11 4.20 7.79 2.81
N PRO A 12 4.78 7.51 1.65
CA PRO A 12 4.29 6.47 0.77
C PRO A 12 4.77 5.09 1.25
N LYS A 13 3.85 4.18 1.40
CA LYS A 13 4.13 2.88 1.99
C LYS A 13 3.14 1.86 1.37
N PRO A 14 3.50 0.58 1.15
CA PRO A 14 2.58 -0.42 0.52
C PRO A 14 1.24 -0.58 1.30
N CYS A 15 0.22 -1.16 0.69
CA CYS A 15 -1.03 -1.37 1.38
C CYS A 15 -0.99 -2.65 2.16
N PHE A 16 -2.13 -3.05 2.62
CA PHE A 16 -2.32 -4.33 3.24
C PHE A 16 -2.73 -5.30 2.13
N VAL A 17 -3.30 -6.43 2.48
CA VAL A 17 -3.75 -7.36 1.46
C VAL A 17 -5.15 -6.93 0.96
N ARG A 18 -5.17 -5.80 0.28
CA ARG A 18 -6.34 -5.17 -0.29
C ARG A 18 -5.88 -3.98 -1.09
N LEU A 1 -7.27 -13.08 -2.10
CA LEU A 1 -6.74 -12.03 -1.22
C LEU A 1 -5.80 -11.22 -2.09
N VAL A 2 -5.84 -9.91 -1.98
CA VAL A 2 -5.02 -9.05 -2.82
C VAL A 2 -3.91 -8.43 -1.99
N ARG A 3 -2.69 -8.53 -2.47
CA ARG A 3 -1.56 -7.92 -1.78
C ARG A 3 -0.84 -6.94 -2.70
N GLY A 4 -1.42 -6.71 -3.86
CA GLY A 4 -0.84 -5.80 -4.80
C GLY A 4 -1.51 -4.47 -4.68
N CYS A 5 -1.10 -3.74 -3.68
CA CYS A 5 -1.63 -2.44 -3.40
C CYS A 5 -0.58 -1.62 -2.68
N TRP A 6 -0.56 -0.34 -2.94
CA TRP A 6 0.40 0.55 -2.35
C TRP A 6 -0.22 1.94 -2.25
N THR A 7 0.01 2.63 -1.15
CA THR A 7 -0.58 3.92 -0.95
C THR A 7 0.36 5.03 -1.37
N LYS A 8 -0.07 5.84 -2.31
CA LYS A 8 0.70 7.00 -2.63
C LYS A 8 0.29 8.08 -1.64
N SER A 9 1.12 8.30 -0.70
CA SER A 9 0.88 9.23 0.36
C SER A 9 2.20 9.84 0.77
N TYR A 10 2.22 10.49 1.91
CA TYR A 10 3.44 11.03 2.44
C TYR A 10 3.37 10.91 3.96
N PRO A 11 4.12 9.97 4.56
CA PRO A 11 4.97 9.05 3.81
C PRO A 11 4.17 7.97 3.06
N PRO A 12 4.68 7.56 1.91
CA PRO A 12 4.05 6.54 1.09
C PRO A 12 4.44 5.12 1.54
N LYS A 13 3.51 4.19 1.46
CA LYS A 13 3.73 2.87 1.99
C LYS A 13 2.93 1.83 1.20
N PRO A 14 3.51 0.66 0.85
CA PRO A 14 2.71 -0.45 0.33
C PRO A 14 1.57 -0.77 1.30
N CYS A 15 0.41 -1.23 0.78
CA CYS A 15 -0.78 -1.47 1.57
C CYS A 15 -0.49 -2.34 2.75
N PHE A 16 -1.33 -2.27 3.70
CA PHE A 16 -1.07 -2.86 4.99
C PHE A 16 -1.50 -4.31 5.08
N VAL A 17 -0.81 -5.10 4.30
CA VAL A 17 -0.84 -6.55 4.34
C VAL A 17 0.60 -7.01 4.57
N ARG A 18 1.42 -5.98 4.65
CA ARG A 18 2.85 -5.94 4.90
C ARG A 18 3.36 -4.51 4.68
N LEU A 1 -6.59 -9.80 -1.17
CA LEU A 1 -6.02 -11.10 -1.48
C LEU A 1 -5.42 -11.05 -2.87
N VAL A 2 -4.12 -10.81 -2.91
CA VAL A 2 -3.32 -10.75 -4.12
C VAL A 2 -3.74 -9.55 -5.00
N ARG A 3 -3.54 -8.38 -4.45
CA ARG A 3 -3.75 -7.10 -5.12
C ARG A 3 -2.56 -6.24 -4.88
N GLY A 4 -2.18 -5.47 -5.86
CA GLY A 4 -1.07 -4.58 -5.71
C GLY A 4 -1.51 -3.29 -5.10
N CYS A 5 -1.49 -3.23 -3.79
CA CYS A 5 -1.90 -2.04 -3.12
C CYS A 5 -0.74 -1.40 -2.50
N TRP A 6 -0.52 -0.21 -2.92
CA TRP A 6 0.50 0.57 -2.41
C TRP A 6 -0.04 1.99 -2.24
N THR A 7 0.05 2.50 -1.05
CA THR A 7 -0.48 3.76 -0.79
C THR A 7 0.55 4.84 -0.90
N LYS A 8 0.49 5.44 -2.04
CA LYS A 8 1.24 6.59 -2.39
C LYS A 8 0.60 7.80 -1.74
N SER A 9 1.24 8.23 -0.73
CA SER A 9 0.78 9.30 0.11
C SER A 9 2.00 9.85 0.82
N TYR A 10 1.82 10.46 1.94
CA TYR A 10 2.90 10.90 2.72
C TYR A 10 2.72 10.37 4.16
N PRO A 11 3.54 9.39 4.57
CA PRO A 11 4.56 8.78 3.73
C PRO A 11 3.99 7.75 2.73
N PRO A 12 4.68 7.57 1.61
CA PRO A 12 4.32 6.59 0.61
C PRO A 12 4.89 5.21 0.95
N LYS A 13 4.02 4.28 1.26
CA LYS A 13 4.42 2.98 1.68
C LYS A 13 3.31 1.97 1.26
N PRO A 14 3.64 0.71 0.85
CA PRO A 14 2.64 -0.30 0.41
C PRO A 14 1.46 -0.48 1.40
N CYS A 15 0.28 -0.89 0.91
CA CYS A 15 -0.89 -1.00 1.73
C CYS A 15 -0.77 -2.12 2.76
N PHE A 16 -1.72 -2.18 3.62
CA PHE A 16 -1.74 -3.14 4.71
C PHE A 16 -2.43 -4.41 4.27
N VAL A 17 -3.23 -4.31 3.25
CA VAL A 17 -3.91 -5.42 2.69
C VAL A 17 -3.51 -5.53 1.22
N ARG A 18 -3.28 -6.74 0.80
CA ARG A 18 -2.95 -7.05 -0.56
C ARG A 18 -3.89 -8.15 -1.01
N LEU A 1 3.11 -10.94 -6.86
CA LEU A 1 1.75 -11.42 -7.14
C LEU A 1 1.31 -10.72 -8.42
N VAL A 2 0.15 -11.09 -8.97
CA VAL A 2 -0.35 -10.50 -10.22
C VAL A 2 -1.09 -9.18 -9.95
N ARG A 3 -0.96 -8.69 -8.74
CA ARG A 3 -1.56 -7.47 -8.31
C ARG A 3 -0.91 -7.11 -7.00
N GLY A 4 -1.05 -5.88 -6.57
CA GLY A 4 -0.50 -5.43 -5.34
C GLY A 4 -1.08 -4.10 -5.02
N CYS A 5 -0.75 -3.55 -3.89
CA CYS A 5 -1.28 -2.27 -3.49
C CYS A 5 -0.26 -1.56 -2.70
N TRP A 6 -0.21 -0.28 -2.91
CA TRP A 6 0.74 0.57 -2.29
C TRP A 6 0.13 1.97 -2.15
N THR A 7 0.15 2.49 -0.92
CA THR A 7 -0.52 3.71 -0.59
C THR A 7 0.32 4.88 -1.06
N LYS A 8 -0.30 5.76 -1.76
CA LYS A 8 0.36 6.90 -2.28
C LYS A 8 0.00 8.05 -1.40
N SER A 9 0.92 8.41 -0.60
CA SER A 9 0.74 9.38 0.42
C SER A 9 2.11 9.94 0.76
N TYR A 10 2.22 10.64 1.85
CA TYR A 10 3.50 11.12 2.29
C TYR A 10 3.57 10.94 3.80
N PRO A 11 4.35 9.96 4.28
CA PRO A 11 5.11 9.07 3.43
C PRO A 11 4.24 7.99 2.77
N PRO A 12 4.66 7.54 1.60
CA PRO A 12 4.00 6.46 0.87
C PRO A 12 4.50 5.10 1.35
N LYS A 13 3.61 4.14 1.48
CA LYS A 13 3.96 2.85 2.04
C LYS A 13 3.01 1.79 1.41
N PRO A 14 3.43 0.52 1.21
CA PRO A 14 2.55 -0.51 0.59
C PRO A 14 1.20 -0.68 1.35
N CYS A 15 0.14 -1.18 0.67
CA CYS A 15 -1.20 -1.36 1.29
C CYS A 15 -1.23 -2.61 2.16
N PHE A 16 -0.11 -3.15 2.31
CA PHE A 16 0.12 -4.32 3.11
C PHE A 16 0.43 -3.83 4.51
N VAL A 17 -0.40 -4.27 5.47
CA VAL A 17 -0.33 -3.83 6.87
C VAL A 17 -0.92 -2.41 6.94
N ARG A 18 -1.45 -2.03 8.08
CA ARG A 18 -1.99 -0.70 8.23
C ARG A 18 -0.82 0.28 8.32
N LEU A 1 -9.04 -9.84 -0.21
CA LEU A 1 -8.40 -10.95 -0.92
C LEU A 1 -7.03 -10.52 -1.41
N VAL A 2 -6.38 -11.32 -2.21
CA VAL A 2 -5.04 -11.00 -2.64
C VAL A 2 -5.07 -10.10 -3.88
N ARG A 3 -5.09 -8.81 -3.64
CA ARG A 3 -5.02 -7.81 -4.69
C ARG A 3 -4.04 -6.76 -4.26
N GLY A 4 -3.00 -6.58 -5.04
CA GLY A 4 -1.95 -5.65 -4.73
C GLY A 4 -2.41 -4.22 -4.66
N CYS A 5 -1.85 -3.54 -3.74
CA CYS A 5 -2.09 -2.15 -3.51
C CYS A 5 -0.88 -1.54 -2.85
N TRP A 6 -0.72 -0.26 -2.99
CA TRP A 6 0.31 0.48 -2.33
C TRP A 6 -0.22 1.90 -2.13
N THR A 7 0.03 2.49 -0.99
CA THR A 7 -0.54 3.76 -0.66
C THR A 7 0.41 4.90 -1.01
N LYS A 8 0.17 5.52 -2.13
CA LYS A 8 0.97 6.65 -2.51
C LYS A 8 0.44 7.86 -1.74
N SER A 9 1.16 8.23 -0.74
CA SER A 9 0.84 9.31 0.15
C SER A 9 2.17 9.89 0.61
N TYR A 10 2.20 10.60 1.71
CA TYR A 10 3.44 11.12 2.22
C TYR A 10 3.36 11.16 3.75
N PRO A 11 4.11 10.29 4.44
CA PRO A 11 4.96 9.30 3.81
C PRO A 11 4.17 8.14 3.17
N PRO A 12 4.64 7.64 2.04
CA PRO A 12 3.96 6.57 1.32
C PRO A 12 4.31 5.18 1.88
N LYS A 13 3.44 4.21 1.64
CA LYS A 13 3.65 2.89 2.16
C LYS A 13 3.06 1.83 1.28
N PRO A 14 3.70 0.67 1.14
CA PRO A 14 3.04 -0.45 0.54
C PRO A 14 1.79 -0.83 1.37
N CYS A 15 0.76 -1.21 0.68
CA CYS A 15 -0.50 -1.52 1.27
C CYS A 15 -0.50 -2.95 1.73
N PHE A 16 -1.39 -3.23 2.61
CA PHE A 16 -1.41 -4.53 3.29
C PHE A 16 -2.25 -5.58 2.56
N VAL A 17 -2.69 -5.24 1.33
CA VAL A 17 -3.44 -6.16 0.46
C VAL A 17 -4.91 -6.33 0.89
N ARG A 18 -5.83 -6.13 -0.06
CA ARG A 18 -7.25 -6.24 0.19
C ARG A 18 -7.99 -6.64 -1.07
N LEU A 1 -0.40 -16.06 -2.28
CA LEU A 1 -1.13 -15.45 -3.39
C LEU A 1 -0.41 -14.18 -3.74
N VAL A 2 -0.80 -13.54 -4.81
CA VAL A 2 -0.18 -12.30 -5.22
C VAL A 2 -1.07 -11.15 -4.80
N ARG A 3 -0.49 -9.99 -4.61
CA ARG A 3 -1.22 -8.81 -4.21
C ARG A 3 -0.37 -7.59 -4.51
N GLY A 4 -0.94 -6.62 -5.18
CA GLY A 4 -0.18 -5.44 -5.52
C GLY A 4 -0.95 -4.19 -5.19
N CYS A 5 -0.71 -3.65 -4.03
CA CYS A 5 -1.32 -2.43 -3.61
C CYS A 5 -0.38 -1.64 -2.76
N TRP A 6 -0.36 -0.36 -2.97
CA TRP A 6 0.54 0.51 -2.30
C TRP A 6 -0.10 1.90 -2.20
N THR A 7 0.09 2.58 -1.07
CA THR A 7 -0.58 3.83 -0.84
C THR A 7 0.30 4.99 -1.24
N LYS A 8 -0.15 5.78 -2.17
CA LYS A 8 0.56 6.96 -2.49
C LYS A 8 0.14 7.98 -1.45
N SER A 9 0.98 8.20 -0.53
CA SER A 9 0.74 9.07 0.57
C SER A 9 2.02 9.84 0.86
N TYR A 10 2.15 10.35 2.05
CA TYR A 10 3.36 10.98 2.49
C TYR A 10 3.49 10.75 4.00
N PRO A 11 4.37 9.84 4.41
CA PRO A 11 5.21 9.07 3.51
C PRO A 11 4.42 7.97 2.77
N PRO A 12 4.79 7.70 1.52
CA PRO A 12 4.20 6.63 0.72
C PRO A 12 4.59 5.26 1.29
N LYS A 13 3.64 4.35 1.37
CA LYS A 13 3.86 3.09 2.05
C LYS A 13 2.93 2.04 1.39
N PRO A 14 3.30 0.72 1.32
CA PRO A 14 2.44 -0.32 0.67
C PRO A 14 1.04 -0.46 1.32
N CYS A 15 0.24 -1.40 0.86
CA CYS A 15 -1.05 -1.57 1.42
C CYS A 15 -0.97 -2.39 2.69
N PHE A 16 -2.06 -2.51 3.33
CA PHE A 16 -2.16 -3.24 4.56
C PHE A 16 -2.56 -4.67 4.26
N VAL A 17 -2.25 -5.57 5.17
CA VAL A 17 -2.57 -6.96 4.99
C VAL A 17 -4.00 -7.21 5.44
N ARG A 18 -4.90 -7.02 4.52
CA ARG A 18 -6.31 -7.24 4.69
C ARG A 18 -6.92 -7.19 3.32
N LEU A 1 -6.76 -9.87 -8.72
CA LEU A 1 -7.10 -9.58 -7.32
C LEU A 1 -6.17 -8.50 -6.83
N VAL A 2 -6.46 -7.91 -5.69
CA VAL A 2 -5.63 -6.84 -5.16
C VAL A 2 -4.60 -7.43 -4.21
N ARG A 3 -3.33 -7.27 -4.57
CA ARG A 3 -2.22 -7.70 -3.75
C ARG A 3 -1.10 -6.68 -3.83
N GLY A 4 -0.71 -6.35 -5.05
CA GLY A 4 0.30 -5.34 -5.26
C GLY A 4 -0.28 -3.95 -5.07
N CYS A 5 -0.41 -3.55 -3.84
CA CYS A 5 -0.97 -2.28 -3.52
C CYS A 5 -0.05 -1.54 -2.65
N TRP A 6 0.01 -0.28 -2.89
CA TRP A 6 0.87 0.61 -2.23
C TRP A 6 0.22 1.99 -2.23
N THR A 7 0.11 2.59 -1.04
CA THR A 7 -0.65 3.80 -0.86
C THR A 7 0.17 5.01 -1.26
N LYS A 8 -0.46 5.91 -1.96
CA LYS A 8 0.17 7.14 -2.34
C LYS A 8 -0.13 8.13 -1.26
N SER A 9 0.85 8.38 -0.47
CA SER A 9 0.72 9.20 0.69
C SER A 9 2.07 9.89 0.88
N TYR A 10 2.29 10.48 2.02
CA TYR A 10 3.57 11.05 2.32
C TYR A 10 3.85 10.84 3.80
N PRO A 11 4.72 9.90 4.16
CA PRO A 11 5.40 9.06 3.19
C PRO A 11 4.49 7.96 2.61
N PRO A 12 4.72 7.59 1.35
CA PRO A 12 3.98 6.52 0.69
C PRO A 12 4.35 5.17 1.33
N LYS A 13 3.39 4.27 1.42
CA LYS A 13 3.58 3.05 2.18
C LYS A 13 2.68 1.90 1.58
N PRO A 14 3.16 0.63 1.53
CA PRO A 14 2.40 -0.49 0.89
C PRO A 14 1.01 -0.78 1.53
N CYS A 15 0.08 -1.32 0.76
CA CYS A 15 -1.22 -1.64 1.27
C CYS A 15 -1.15 -2.97 1.95
N PHE A 16 -1.71 -3.01 3.10
CA PHE A 16 -1.73 -4.24 3.87
C PHE A 16 -2.97 -5.04 3.53
N VAL A 17 -2.79 -5.98 2.64
CA VAL A 17 -3.87 -6.84 2.23
C VAL A 17 -3.58 -8.24 2.75
N ARG A 18 -4.45 -8.73 3.59
CA ARG A 18 -4.27 -10.04 4.17
C ARG A 18 -5.24 -11.00 3.49
#